data_3X0F
#
_entry.id   3X0F
#
_cell.length_a   44.617
_cell.length_b   57.922
_cell.length_c   62.080
_cell.angle_alpha   90.00
_cell.angle_beta   90.00
_cell.angle_gamma   90.00
#
_symmetry.space_group_name_H-M   'P 21 21 21'
#
loop_
_entity.id
_entity.type
_entity.pdbx_description
1 polymer 'CD81 antigen'
2 non-polymer 'ISOPROPYL ALCOHOL'
3 water water
#
_entity_poly.entity_id   1
_entity_poly.type   'polypeptide(L)'
_entity_poly.pdbx_seq_one_letter_code
;SHMFVNKDQIAKDVKQFYDQALQQAVMDDDANNAKAVVKTFHETLNCCGSNALTTLTTTILRNSLCPSGGNILTPLLQQD
CHQKIDELFSGKL
;
_entity_poly.pdbx_strand_id   A,B
#
loop_
_chem_comp.id
_chem_comp.type
_chem_comp.name
_chem_comp.formula
IPA non-polymer 'ISOPROPYL ALCOHOL' 'C3 H8 O'
#
# COMPACT_ATOMS: atom_id res chain seq x y z
N VAL A 5 1.57 29.66 -6.96
CA VAL A 5 0.28 29.08 -7.30
C VAL A 5 0.42 28.16 -8.51
N ASN A 6 -0.28 27.02 -8.51
CA ASN A 6 -1.16 26.62 -7.41
C ASN A 6 -0.45 25.68 -6.46
N LYS A 7 -0.39 26.05 -5.18
CA LYS A 7 0.30 25.23 -4.19
C LYS A 7 -0.37 23.87 -3.99
N ASP A 8 -1.70 23.83 -4.06
CA ASP A 8 -2.42 22.58 -3.91
C ASP A 8 -2.03 21.60 -5.01
N GLN A 9 -1.92 22.11 -6.23
CA GLN A 9 -1.58 21.27 -7.37
C GLN A 9 -0.14 20.79 -7.29
N ILE A 10 0.75 21.68 -6.87
CA ILE A 10 2.16 21.33 -6.71
C ILE A 10 2.29 20.19 -5.71
N ALA A 11 1.65 20.35 -4.56
CA ALA A 11 1.71 19.33 -3.52
C ALA A 11 1.18 18.00 -4.04
N LYS A 12 0.09 18.06 -4.78
CA LYS A 12 -0.52 16.85 -5.34
C LYS A 12 0.46 16.16 -6.30
N ASP A 13 1.13 16.95 -7.13
CA ASP A 13 2.08 16.41 -8.09
C ASP A 13 3.26 15.75 -7.38
N VAL A 14 3.73 16.39 -6.31
CA VAL A 14 4.87 15.87 -5.55
C VAL A 14 4.51 14.55 -4.88
N LYS A 15 3.30 14.48 -4.30
CA LYS A 15 2.86 13.25 -3.66
C LYS A 15 2.71 12.11 -4.66
N GLN A 16 2.19 12.42 -5.85
CA GLN A 16 2.05 11.42 -6.90
C GLN A 16 3.41 10.93 -7.36
N PHE A 17 4.34 11.86 -7.51
CA PHE A 17 5.70 11.54 -7.91
C PHE A 17 6.36 10.64 -6.87
N TYR A 18 6.19 10.98 -5.60
CA TYR A 18 6.73 10.17 -4.52
C TYR A 18 6.11 8.77 -4.52
N ASP A 19 4.80 8.68 -4.73
CA ASP A 19 4.11 7.40 -4.73
C ASP A 19 4.65 6.48 -5.82
N GLN A 20 4.84 7.04 -7.01
CA GLN A 20 5.36 6.26 -8.14
C GLN A 20 6.77 5.77 -7.84
N ALA A 21 7.59 6.65 -7.28
CA ALA A 21 8.95 6.32 -6.94
C ALA A 21 8.99 5.23 -5.87
N LEU A 22 8.13 5.35 -4.86
CA LEU A 22 8.08 4.38 -3.78
C LEU A 22 7.72 2.99 -4.31
N GLN A 23 6.73 2.94 -5.20
CA GLN A 23 6.32 1.67 -5.79
C GLN A 23 7.48 1.01 -6.53
N GLN A 24 8.21 1.79 -7.31
CA GLN A 24 9.33 1.28 -8.08
C GLN A 24 10.47 0.82 -7.17
N ALA A 25 10.80 1.66 -6.18
CA ALA A 25 11.93 1.39 -5.29
C ALA A 25 11.74 0.11 -4.49
N VAL A 26 10.50 -0.21 -4.18
CA VAL A 26 10.21 -1.40 -3.36
C VAL A 26 10.02 -2.65 -4.23
N MET A 27 9.36 -2.49 -5.37
CA MET A 27 9.04 -3.63 -6.23
C MET A 27 10.26 -4.11 -7.03
N ASP A 28 11.03 -3.16 -7.56
CA ASP A 28 12.16 -3.49 -8.42
C ASP A 28 13.48 -3.36 -7.68
N ASP A 29 14.31 -4.39 -7.78
CA ASP A 29 15.61 -4.41 -7.12
C ASP A 29 16.60 -3.46 -7.80
N ASP A 30 16.31 -3.07 -9.04
CA ASP A 30 17.24 -2.25 -9.82
C ASP A 30 16.61 -0.97 -10.34
N ALA A 31 15.62 -0.45 -9.62
CA ALA A 31 15.05 0.86 -9.94
C ALA A 31 15.93 1.93 -9.29
N ASN A 32 17.12 2.12 -9.84
CA ASN A 32 18.14 2.95 -9.22
C ASN A 32 17.69 4.38 -8.94
N ASN A 33 17.11 5.03 -9.94
CA ASN A 33 16.65 6.40 -9.79
C ASN A 33 15.54 6.51 -8.75
N ALA A 34 14.60 5.58 -8.81
CA ALA A 34 13.47 5.58 -7.89
C ALA A 34 13.96 5.46 -6.44
N LYS A 35 14.89 4.56 -6.21
CA LYS A 35 15.44 4.35 -4.86
C LYS A 35 16.12 5.62 -4.36
N ALA A 36 16.85 6.29 -5.25
CA ALA A 36 17.54 7.53 -4.89
C ALA A 36 16.52 8.60 -4.50
N VAL A 37 15.48 8.74 -5.32
CA VAL A 37 14.42 9.71 -5.04
C VAL A 37 13.79 9.42 -3.68
N VAL A 38 13.40 8.18 -3.47
CA VAL A 38 12.73 7.78 -2.23
C VAL A 38 13.60 8.03 -1.01
N LYS A 39 14.86 7.62 -1.08
CA LYS A 39 15.78 7.82 0.03
C LYS A 39 15.89 9.29 0.39
N THR A 40 15.94 10.15 -0.62
CA THR A 40 16.05 11.58 -0.40
C THR A 40 14.80 12.12 0.30
N PHE A 41 13.63 11.75 -0.20
CA PHE A 41 12.37 12.13 0.44
C PHE A 41 12.36 11.72 1.91
N HIS A 42 12.69 10.45 2.16
CA HIS A 42 12.61 9.89 3.50
C HIS A 42 13.59 10.56 4.47
N GLU A 43 14.81 10.81 4.01
CA GLU A 43 15.81 11.46 4.84
C GLU A 43 15.43 12.92 5.10
N THR A 44 14.89 13.57 4.08
CA THR A 44 14.52 14.98 4.18
C THR A 44 13.30 15.20 5.06
N LEU A 45 12.32 14.32 4.94
CA LEU A 45 11.04 14.50 5.63
C LEU A 45 10.91 13.63 6.88
N ASN A 46 11.88 12.75 7.10
CA ASN A 46 11.83 11.83 8.23
C ASN A 46 10.57 10.98 8.21
N CYS A 47 10.41 10.22 7.13
CA CYS A 47 9.27 9.33 6.98
C CYS A 47 9.72 8.12 6.17
N CYS A 48 8.82 7.17 5.93
CA CYS A 48 9.20 5.99 5.16
C CYS A 48 8.02 5.33 4.44
N GLY A 49 7.05 6.12 4.01
CA GLY A 49 5.91 5.59 3.29
C GLY A 49 4.85 6.64 3.02
N SER A 50 3.93 6.31 2.12
CA SER A 50 2.83 7.20 1.77
C SER A 50 1.70 7.14 2.80
N ASN A 51 1.65 6.04 3.55
CA ASN A 51 0.65 5.87 4.60
C ASN A 51 1.10 4.79 5.58
N ALA A 52 0.27 4.47 6.57
CA ALA A 52 0.65 3.55 7.62
C ALA A 52 1.05 2.17 7.08
N LEU A 53 0.29 1.68 6.11
CA LEU A 53 0.53 0.34 5.57
C LEU A 53 1.75 0.28 4.67
N THR A 54 1.88 1.24 3.77
CA THR A 54 3.02 1.26 2.86
C THR A 54 4.30 1.56 3.63
N THR A 55 4.19 2.29 4.73
CA THR A 55 5.33 2.52 5.59
C THR A 55 5.80 1.19 6.19
N LEU A 56 4.85 0.39 6.66
CA LEU A 56 5.16 -0.90 7.26
C LEU A 56 5.79 -1.82 6.21
N THR A 57 5.23 -1.81 5.01
CA THR A 57 5.76 -2.61 3.90
C THR A 57 7.22 -2.27 3.63
N THR A 58 7.51 -0.98 3.57
CA THR A 58 8.86 -0.51 3.26
C THR A 58 9.84 -0.90 4.36
N THR A 59 9.43 -0.73 5.61
CA THR A 59 10.30 -1.04 6.74
CA THR A 59 10.27 -1.04 6.75
C THR A 59 10.64 -2.52 6.76
N ILE A 60 9.72 -3.35 6.28
CA ILE A 60 9.92 -4.80 6.26
C ILE A 60 10.77 -5.24 5.07
N LEU A 61 10.44 -4.75 3.88
CA LEU A 61 11.08 -5.22 2.65
C LEU A 61 12.38 -4.48 2.31
N ARG A 62 12.40 -3.17 2.51
CA ARG A 62 13.54 -2.35 2.11
C ARG A 62 13.87 -1.31 3.17
N ASN A 63 14.23 -1.77 4.36
CA ASN A 63 14.44 -0.88 5.49
C ASN A 63 15.53 0.17 5.25
N SER A 64 16.44 -0.10 4.33
CA SER A 64 17.51 0.85 4.04
C SER A 64 16.98 2.13 3.38
N LEU A 65 15.72 2.09 2.92
CA LEU A 65 15.10 3.27 2.34
C LEU A 65 14.59 4.22 3.43
N CYS A 66 14.40 3.69 4.64
CA CYS A 66 13.93 4.49 5.75
C CYS A 66 15.07 5.34 6.32
N PRO A 67 14.73 6.37 7.10
CA PRO A 67 15.77 7.18 7.76
C PRO A 67 16.73 6.29 8.54
N SER A 68 18.02 6.60 8.46
CA SER A 68 19.05 5.76 9.07
C SER A 68 18.79 5.47 10.54
N GLY A 69 19.10 4.24 10.95
CA GLY A 69 19.01 3.86 12.36
C GLY A 69 17.60 3.52 12.80
N GLY A 70 16.76 3.13 11.84
CA GLY A 70 15.37 2.82 12.14
C GLY A 70 15.14 1.36 12.48
N ASN A 71 13.92 1.05 12.90
CA ASN A 71 13.51 -0.31 13.21
C ASN A 71 12.01 -0.45 12.96
N ILE A 72 11.44 -1.57 13.37
CA ILE A 72 10.04 -1.86 13.08
C ILE A 72 9.08 -0.95 13.86
N LEU A 73 9.52 -0.46 15.00
CA LEU A 73 8.68 0.37 15.86
C LEU A 73 8.66 1.84 15.46
N THR A 74 9.71 2.29 14.77
CA THR A 74 9.92 3.71 14.52
C THR A 74 8.73 4.44 13.87
N PRO A 75 8.06 3.79 12.91
CA PRO A 75 6.95 4.47 12.22
C PRO A 75 5.86 5.00 13.15
N LEU A 76 5.70 4.38 14.30
CA LEU A 76 4.68 4.81 15.26
C LEU A 76 4.85 6.28 15.65
N LEU A 77 6.09 6.76 15.62
CA LEU A 77 6.39 8.13 16.05
C LEU A 77 6.59 9.07 14.87
N GLN A 78 6.34 8.58 13.66
CA GLN A 78 6.57 9.35 12.45
C GLN A 78 5.27 9.61 11.69
N GLN A 79 5.09 10.85 11.24
CA GLN A 79 4.06 11.14 10.26
C GLN A 79 4.52 10.53 8.94
N ASP A 80 3.57 10.13 8.10
CA ASP A 80 3.94 9.56 6.81
C ASP A 80 4.35 10.66 5.85
N CYS A 81 4.89 10.29 4.70
CA CYS A 81 5.46 11.26 3.77
C CYS A 81 4.38 12.16 3.15
N HIS A 82 3.17 11.66 3.00
CA HIS A 82 2.07 12.50 2.51
C HIS A 82 1.76 13.61 3.50
N GLN A 83 1.72 13.25 4.77
CA GLN A 83 1.47 14.23 5.82
C GLN A 83 2.58 15.27 5.88
N LYS A 84 3.82 14.83 5.74
CA LYS A 84 4.96 15.73 5.77
C LYS A 84 4.91 16.70 4.59
N ILE A 85 4.59 16.17 3.41
CA ILE A 85 4.47 16.99 2.22
C ILE A 85 3.35 18.02 2.39
N ASP A 86 2.20 17.58 2.88
CA ASP A 86 1.08 18.48 3.14
C ASP A 86 1.52 19.63 4.04
N GLU A 87 2.28 19.33 5.08
CA GLU A 87 2.76 20.34 6.00
C GLU A 87 3.54 21.44 5.28
N LEU A 88 4.45 21.03 4.40
CA LEU A 88 5.28 21.98 3.66
C LEU A 88 4.43 22.94 2.84
N PHE A 89 3.27 22.46 2.39
CA PHE A 89 2.43 23.23 1.49
C PHE A 89 1.17 23.79 2.16
N SER A 90 1.12 23.73 3.49
CA SER A 90 0.01 24.32 4.24
C SER A 90 0.53 25.23 5.34
N GLY A 91 1.74 25.75 5.16
CA GLY A 91 2.34 26.65 6.12
C GLY A 91 2.24 28.10 5.69
N PHE B 4 14.32 -16.19 13.92
CA PHE B 4 13.05 -15.93 14.58
C PHE B 4 12.11 -15.13 13.67
N VAL B 5 12.65 -14.64 12.55
CA VAL B 5 11.82 -13.95 11.55
C VAL B 5 12.03 -14.59 10.17
N ASN B 6 11.06 -15.41 9.75
CA ASN B 6 11.12 -16.08 8.46
C ASN B 6 10.59 -15.18 7.35
N LYS B 7 11.50 -14.69 6.51
CA LYS B 7 11.13 -13.77 5.43
C LYS B 7 10.18 -14.41 4.43
N ASP B 8 10.26 -15.73 4.27
CA ASP B 8 9.45 -16.42 3.27
C ASP B 8 8.02 -16.66 3.77
N GLN B 9 7.77 -16.37 5.04
CA GLN B 9 6.45 -16.52 5.63
C GLN B 9 5.65 -15.21 5.57
N ILE B 10 6.34 -14.11 5.31
CA ILE B 10 5.72 -12.79 5.34
CA ILE B 10 5.72 -12.79 5.33
C ILE B 10 4.56 -12.69 4.36
N ALA B 11 4.75 -13.18 3.14
CA ALA B 11 3.72 -13.11 2.11
C ALA B 11 2.43 -13.78 2.58
N LYS B 12 2.57 -14.95 3.18
N LYS B 12 2.55 -14.97 3.16
CA LYS B 12 1.42 -15.71 3.68
CA LYS B 12 1.38 -15.69 3.65
C LYS B 12 0.68 -14.91 4.74
C LYS B 12 0.66 -14.91 4.75
N ASP B 13 1.43 -14.31 5.66
CA ASP B 13 0.86 -13.54 6.76
C ASP B 13 0.13 -12.30 6.26
N VAL B 14 0.69 -11.65 5.25
CA VAL B 14 0.07 -10.46 4.67
C VAL B 14 -1.22 -10.85 3.96
N LYS B 15 -1.21 -11.99 3.27
CA LYS B 15 -2.40 -12.49 2.60
C LYS B 15 -3.51 -12.80 3.61
N GLN B 16 -3.13 -13.37 4.76
CA GLN B 16 -4.09 -13.67 5.81
CA GLN B 16 -4.08 -13.66 5.82
C GLN B 16 -4.65 -12.38 6.39
N PHE B 17 -3.79 -11.39 6.59
CA PHE B 17 -4.19 -10.09 7.10
C PHE B 17 -5.19 -9.44 6.13
N TYR B 18 -4.85 -9.47 4.84
CA TYR B 18 -5.74 -8.93 3.82
C TYR B 18 -7.10 -9.63 3.80
N ASP B 19 -7.08 -10.96 3.89
CA ASP B 19 -8.32 -11.73 3.87
C ASP B 19 -9.25 -11.33 5.01
N GLN B 20 -8.68 -11.17 6.20
CA GLN B 20 -9.45 -10.79 7.37
C GLN B 20 -10.05 -9.40 7.19
N ALA B 21 -9.24 -8.48 6.65
CA ALA B 21 -9.69 -7.11 6.41
C ALA B 21 -10.82 -7.09 5.39
N LEU B 22 -10.67 -7.90 4.33
CA LEU B 22 -11.68 -7.96 3.29
C LEU B 22 -12.99 -8.51 3.84
N GLN B 23 -12.89 -9.53 4.68
CA GLN B 23 -14.07 -10.12 5.32
C GLN B 23 -14.82 -9.08 6.14
N GLN B 24 -14.09 -8.32 6.94
CA GLN B 24 -14.69 -7.29 7.79
C GLN B 24 -15.29 -6.16 6.96
N ALA B 25 -14.50 -5.64 6.02
CA ALA B 25 -14.93 -4.52 5.20
C ALA B 25 -16.27 -4.78 4.54
N VAL B 26 -16.50 -6.03 4.15
CA VAL B 26 -17.71 -6.40 3.43
C VAL B 26 -18.87 -6.73 4.35
N MET B 27 -18.61 -7.50 5.40
CA MET B 27 -19.66 -8.01 6.28
C MET B 27 -20.11 -6.97 7.32
N ASP B 28 -19.16 -6.17 7.81
CA ASP B 28 -19.41 -5.29 8.94
C ASP B 28 -19.49 -3.82 8.49
N ASP B 29 -20.63 -3.20 8.74
CA ASP B 29 -20.84 -1.80 8.37
C ASP B 29 -20.06 -0.85 9.26
N ASP B 30 -19.65 -1.34 10.43
CA ASP B 30 -18.90 -0.54 11.39
C ASP B 30 -17.38 -0.66 11.18
N ALA B 31 -16.97 -1.53 10.27
CA ALA B 31 -15.54 -1.80 10.07
C ALA B 31 -14.93 -0.84 9.06
N ASN B 32 -14.91 0.45 9.41
CA ASN B 32 -14.36 1.48 8.53
C ASN B 32 -12.84 1.38 8.39
N ASN B 33 -12.16 0.96 9.45
CA ASN B 33 -10.72 0.77 9.39
CA ASN B 33 -10.72 0.77 9.38
C ASN B 33 -10.38 -0.35 8.41
N ALA B 34 -11.17 -1.42 8.43
CA ALA B 34 -10.98 -2.52 7.50
C ALA B 34 -11.17 -2.06 6.07
N LYS B 35 -12.17 -1.22 5.85
CA LYS B 35 -12.43 -0.67 4.52
C LYS B 35 -11.23 0.13 4.04
N ALA B 36 -10.66 0.93 4.93
CA ALA B 36 -9.49 1.74 4.60
C ALA B 36 -8.30 0.87 4.26
N VAL B 37 -8.09 -0.18 5.04
CA VAL B 37 -7.01 -1.13 4.78
C VAL B 37 -7.18 -1.77 3.41
N VAL B 38 -8.37 -2.27 3.14
CA VAL B 38 -8.64 -2.96 1.89
C VAL B 38 -8.43 -2.04 0.69
N LYS B 39 -9.00 -0.84 0.76
CA LYS B 39 -8.87 0.12 -0.32
C LYS B 39 -7.42 0.47 -0.59
N THR B 40 -6.61 0.53 0.47
CA THR B 40 -5.20 0.81 0.34
C THR B 40 -4.49 -0.31 -0.42
N PHE B 41 -4.79 -1.55 -0.04
CA PHE B 41 -4.26 -2.70 -0.76
C PHE B 41 -4.68 -2.64 -2.23
N HIS B 42 -5.96 -2.41 -2.47
CA HIS B 42 -6.51 -2.41 -3.82
C HIS B 42 -5.91 -1.29 -4.68
N GLU B 43 -5.86 -0.09 -4.14
CA GLU B 43 -5.32 1.05 -4.87
C GLU B 43 -3.84 0.86 -5.17
N THR B 44 -3.10 0.36 -4.18
CA THR B 44 -1.66 0.22 -4.30
C THR B 44 -1.26 -0.92 -5.24
N LEU B 45 -2.00 -2.03 -5.18
CA LEU B 45 -1.65 -3.23 -5.92
C LEU B 45 -2.50 -3.42 -7.18
N ASN B 46 -3.55 -2.61 -7.32
CA ASN B 46 -4.46 -2.72 -8.47
C ASN B 46 -5.14 -4.09 -8.51
N CYS B 47 -5.97 -4.35 -7.50
CA CYS B 47 -6.69 -5.61 -7.40
C CYS B 47 -7.96 -5.36 -6.58
N CYS B 48 -8.80 -6.38 -6.43
CA CYS B 48 -10.01 -6.21 -5.61
C CYS B 48 -10.54 -7.50 -5.01
N GLY B 49 -9.65 -8.45 -4.72
CA GLY B 49 -10.10 -9.67 -4.07
C GLY B 49 -9.00 -10.66 -3.74
N SER B 50 -9.36 -11.64 -2.90
CA SER B 50 -8.50 -12.78 -2.61
C SER B 50 -8.53 -13.80 -3.73
N ASN B 51 -9.67 -13.91 -4.41
CA ASN B 51 -9.85 -14.86 -5.50
CA ASN B 51 -9.80 -14.83 -5.53
C ASN B 51 -10.73 -14.26 -6.58
N ALA B 52 -11.16 -15.09 -7.53
CA ALA B 52 -12.03 -14.61 -8.58
C ALA B 52 -13.45 -14.33 -8.06
N LEU B 53 -13.97 -15.23 -7.24
CA LEU B 53 -15.34 -15.10 -6.71
C LEU B 53 -15.45 -13.93 -5.74
N THR B 54 -14.49 -13.80 -4.83
CA THR B 54 -14.51 -12.73 -3.86
C THR B 54 -14.36 -11.38 -4.58
N THR B 55 -13.67 -11.38 -5.71
CA THR B 55 -13.60 -10.18 -6.53
C THR B 55 -15.00 -9.81 -7.01
N LEU B 56 -15.75 -10.80 -7.48
CA LEU B 56 -17.13 -10.59 -7.91
C LEU B 56 -17.98 -10.10 -6.74
N THR B 57 -17.90 -10.84 -5.64
CA THR B 57 -18.69 -10.56 -4.45
C THR B 57 -18.55 -9.11 -3.98
N THR B 58 -17.31 -8.64 -3.92
CA THR B 58 -17.01 -7.32 -3.37
C THR B 58 -17.43 -6.18 -4.30
N THR B 59 -17.36 -6.40 -5.61
CA THR B 59 -17.78 -5.38 -6.57
CA THR B 59 -17.78 -5.39 -6.57
C THR B 59 -19.28 -5.14 -6.45
N ILE B 60 -20.03 -6.20 -6.16
CA ILE B 60 -21.48 -6.11 -6.02
C ILE B 60 -21.85 -5.61 -4.63
N LEU B 61 -21.07 -6.03 -3.63
CA LEU B 61 -21.28 -5.58 -2.26
C LEU B 61 -20.13 -4.67 -1.84
N ARG B 62 -20.43 -3.39 -1.62
CA ARG B 62 -19.42 -2.40 -1.31
C ARG B 62 -18.51 -2.16 -2.51
N ASN B 63 -19.11 -1.64 -3.58
CA ASN B 63 -18.37 -1.36 -4.80
C ASN B 63 -17.33 -0.26 -4.59
N SER B 64 -17.43 0.45 -3.48
CA SER B 64 -16.49 1.52 -3.17
C SER B 64 -15.09 0.99 -2.89
N LEU B 65 -14.98 -0.32 -2.72
CA LEU B 65 -13.69 -0.94 -2.35
C LEU B 65 -12.76 -1.17 -3.54
N CYS B 66 -13.31 -1.21 -4.75
CA CYS B 66 -12.51 -1.51 -5.93
CA CYS B 66 -12.51 -1.50 -5.93
C CYS B 66 -11.97 -0.24 -6.59
N PRO B 67 -10.87 -0.37 -7.35
CA PRO B 67 -10.27 0.75 -8.08
C PRO B 67 -11.19 1.34 -9.16
N SER B 68 -11.96 0.49 -9.84
CA SER B 68 -12.76 0.93 -10.98
C SER B 68 -14.15 0.30 -11.01
N GLY B 69 -15.04 0.89 -11.81
CA GLY B 69 -16.38 0.38 -11.96
C GLY B 69 -16.67 -0.06 -13.38
N GLY B 70 -16.97 -1.34 -13.54
CA GLY B 70 -17.22 -1.92 -14.85
C GLY B 70 -18.18 -3.07 -14.80
N ASN B 71 -18.90 -3.27 -15.90
CA ASN B 71 -19.79 -4.43 -16.03
C ASN B 71 -18.96 -5.70 -16.17
N ILE B 72 -17.75 -5.55 -16.67
CA ILE B 72 -16.79 -6.66 -16.73
C ILE B 72 -16.28 -6.94 -15.31
N LEU B 73 -16.35 -5.93 -14.45
CA LEU B 73 -16.14 -6.13 -13.02
C LEU B 73 -14.72 -6.63 -12.77
N THR B 74 -14.60 -7.76 -12.07
CA THR B 74 -13.30 -8.41 -11.94
C THR B 74 -12.61 -8.36 -13.28
N PRO B 75 -11.38 -7.79 -13.31
CA PRO B 75 -10.70 -7.90 -14.60
C PRO B 75 -10.28 -9.34 -14.80
N LEU B 76 -10.72 -9.94 -15.91
CA LEU B 76 -10.46 -11.35 -16.15
C LEU B 76 -8.97 -11.53 -16.45
N LEU B 77 -8.27 -10.40 -16.54
CA LEU B 77 -6.85 -10.38 -16.83
C LEU B 77 -6.01 -10.18 -15.57
N GLN B 78 -6.25 -9.06 -14.89
CA GLN B 78 -5.38 -8.64 -13.80
C GLN B 78 -5.41 -9.62 -12.63
N GLN B 79 -4.23 -9.85 -12.07
CA GLN B 79 -4.06 -10.76 -10.96
C GLN B 79 -4.80 -10.24 -9.73
N ASP B 80 -5.25 -11.16 -8.88
CA ASP B 80 -5.94 -10.77 -7.65
C ASP B 80 -4.93 -10.37 -6.60
N CYS B 81 -5.41 -9.89 -5.45
CA CYS B 81 -4.54 -9.35 -4.42
C CYS B 81 -3.56 -10.39 -3.88
N HIS B 82 -3.97 -11.65 -3.84
CA HIS B 82 -3.09 -12.71 -3.37
C HIS B 82 -1.84 -12.82 -4.23
N GLN B 83 -2.03 -12.68 -5.53
CA GLN B 83 -0.93 -12.78 -6.48
C GLN B 83 -0.03 -11.54 -6.39
N LYS B 84 -0.66 -10.37 -6.25
CA LYS B 84 0.08 -9.13 -6.13
C LYS B 84 0.92 -9.14 -4.86
N ILE B 85 0.33 -9.61 -3.77
CA ILE B 85 1.03 -9.71 -2.49
C ILE B 85 2.21 -10.67 -2.60
N ASP B 86 2.01 -11.78 -3.30
CA ASP B 86 3.08 -12.75 -3.52
C ASP B 86 4.24 -12.11 -4.27
N GLU B 87 3.93 -11.38 -5.35
CA GLU B 87 4.95 -10.72 -6.14
C GLU B 87 5.74 -9.72 -5.30
N LEU B 88 5.03 -8.96 -4.48
CA LEU B 88 5.63 -7.90 -3.69
C LEU B 88 6.47 -8.43 -2.53
N PHE B 89 5.96 -9.45 -1.85
CA PHE B 89 6.59 -9.93 -0.61
C PHE B 89 7.42 -11.19 -0.77
N SER B 90 7.33 -11.83 -1.94
CA SER B 90 8.13 -13.03 -2.20
C SER B 90 8.94 -12.85 -3.48
N GLY B 91 10.16 -12.34 -3.32
CA GLY B 91 11.06 -12.12 -4.44
C GLY B 91 10.64 -10.92 -5.28
C1 IPA C . 1.49 -3.21 5.17
C2 IPA C . 1.52 -4.72 5.07
C3 IPA C . 2.85 -5.26 5.60
O2 IPA C . 0.46 -5.26 5.82
H11 IPA C . 0.65 -2.91 5.81
H12 IPA C . 1.36 -2.78 4.18
H13 IPA C . 2.42 -2.85 5.61
H2 IPA C . 1.41 -5.02 4.03
H31 IPA C . 2.67 -5.92 6.44
H32 IPA C . 3.47 -4.42 5.93
H33 IPA C . 3.37 -5.80 4.81
HO2 IPA C . 0.49 -6.25 5.76
C1 IPA D . 2.08 -1.72 0.64
C2 IPA D . 0.74 -2.45 0.57
C3 IPA D . 0.97 -3.96 0.44
O2 IPA D . 0.02 -2.19 1.75
H11 IPA D . 2.15 -1.18 1.58
H12 IPA D . 2.15 -1.02 -0.19
H13 IPA D . 2.89 -2.45 0.58
H2 IPA D . 0.17 -2.09 -0.29
H31 IPA D . 0.51 -4.46 1.28
H32 IPA D . 2.03 -4.16 0.42
H33 IPA D . 0.51 -4.31 -0.48
HO2 IPA D . -0.86 -2.64 1.71
C1 IPA E . 5.74 0.17 -1.15
C2 IPA E . 4.27 0.17 -1.53
C3 IPA E . 4.03 1.03 -2.76
O2 IPA E . 3.86 -1.16 -1.81
H11 IPA E . 6.12 -0.85 -1.18
H12 IPA E . 5.85 0.57 -0.14
H13 IPA E . 6.29 0.79 -1.84
H2 IPA E . 3.67 0.55 -0.69
H31 IPA E . 3.61 0.42 -3.56
H32 IPA E . 4.98 1.46 -3.09
H33 IPA E . 3.34 1.84 -2.52
HO2 IPA E . 2.97 -1.15 -2.22
C1 IPA F . -3.90 2.96 5.43
C2 IPA F . -4.96 3.36 6.46
C3 IPA F . -5.42 2.16 7.28
O2 IPA F . -4.40 4.33 7.32
H11 IPA F . -2.99 3.51 5.61
H12 IPA F . -4.28 3.17 4.43
H13 IPA F . -3.71 1.88 5.51
H2 IPA F . -5.82 3.78 5.94
H31 IPA F . -5.21 2.34 8.34
H32 IPA F . -4.88 1.28 6.95
H33 IPA F . -6.49 2.02 7.15
HO2 IPA F . -5.12 4.76 7.84
#